data_6BDQ
#
_entry.id   6BDQ
#
_cell.length_a   139.447
_cell.length_b   38.668
_cell.length_c   54.140
_cell.angle_alpha   90.00
_cell.angle_beta   90.00
_cell.angle_gamma   90.00
#
_symmetry.space_group_name_H-M   'P 21 21 2'
#
loop_
_entity.id
_entity.type
_entity.pdbx_description
1 polymer 'Sulfotransferase oxamniquine resistance protein'
2 non-polymer "ADENOSINE-3'-5'-DIPHOSPHATE"
3 non-polymer (2-nitro-4-{[(3S)-piperidin-3-yl]amino}phenyl)methanol
4 water water
#
_entity_poly.entity_id   1
_entity_poly.type   'polypeptide(L)'
_entity_poly.pdbx_seq_one_letter_code
;GAMIESSTTIQVISAGLPRTGTKSLKNALEIIYHKPCYHMFEIIFNKQSDIIKWQNLIHDSHMITTPPPLTTKTIAIYDK
LKELLDGYIATTDLPTCGFYKDLMNIYPNAKVLLTIRDKYDWLHSLRKVVLPKSNDPWKLKIEEGDKVLGLNSDFYKLTE
DSLKFAFQKDDLNFDDDQVLLECYDEYNRLVQETVPSDRLLVLRLGDGWEPLCKFLNVEIPNGIDYPCVNSHHQ(SME)T
QLTEQLIKYKSLDAIIHMFPDLI
;
_entity_poly.pdbx_strand_id   A
#
loop_
_chem_comp.id
_chem_comp.type
_chem_comp.name
_chem_comp.formula
A3P RNA linking ADENOSINE-3'-5'-DIPHOSPHATE 'C10 H15 N5 O10 P2'
DE7 non-polymer (2-nitro-4-{[(3S)-piperidin-3-yl]amino}phenyl)methanol 'C12 H17 N3 O3'
#
# COMPACT_ATOMS: atom_id res chain seq x y z
N GLY A 1 19.34 12.35 -18.94
CA GLY A 1 20.46 12.40 -18.03
C GLY A 1 21.33 11.16 -18.10
N ALA A 2 22.40 11.14 -17.32
CA ALA A 2 23.26 9.99 -17.26
C ALA A 2 22.58 8.85 -16.51
N MET A 3 23.04 7.64 -16.78
CA MET A 3 22.58 6.44 -16.10
C MET A 3 23.52 6.14 -14.93
N ILE A 4 22.96 5.98 -13.73
CA ILE A 4 23.74 5.74 -12.53
C ILE A 4 23.27 4.43 -11.91
N GLU A 5 24.14 3.82 -11.12
CA GLU A 5 23.85 2.51 -10.53
C GLU A 5 23.22 2.70 -9.16
N SER A 6 21.91 2.43 -9.08
CA SER A 6 21.10 2.68 -7.91
C SER A 6 21.15 1.50 -6.96
N SER A 7 21.16 1.80 -5.66
CA SER A 7 21.19 0.78 -4.63
C SER A 7 19.83 0.08 -4.49
N THR A 8 19.84 -1.25 -4.41
CA THR A 8 18.60 -2.02 -4.22
C THR A 8 18.30 -2.09 -2.73
N THR A 9 17.64 -1.04 -2.24
CA THR A 9 17.23 -0.91 -0.85
C THR A 9 16.02 0.03 -0.88
N ILE A 10 15.27 0.07 0.22
CA ILE A 10 14.09 0.95 0.23
C ILE A 10 14.55 2.40 0.11
N GLN A 11 14.15 3.04 -0.99
CA GLN A 11 14.49 4.44 -1.25
C GLN A 11 13.29 5.38 -1.13
N VAL A 12 12.08 4.85 -1.22
CA VAL A 12 10.85 5.63 -1.13
C VAL A 12 9.87 4.87 -0.25
N ILE A 13 9.39 5.54 0.80
CA ILE A 13 8.37 5.00 1.71
C ILE A 13 7.10 5.77 1.42
N SER A 14 6.06 5.08 0.94
CA SER A 14 4.80 5.76 0.65
C SER A 14 3.80 5.48 1.76
N ALA A 15 3.39 6.52 2.47
CA ALA A 15 2.47 6.42 3.59
C ALA A 15 1.01 6.47 3.17
N GLY A 16 0.74 6.71 1.88
CA GLY A 16 -0.64 6.86 1.45
C GLY A 16 -1.47 5.60 1.72
N LEU A 17 -2.73 5.81 2.06
CA LEU A 17 -3.65 4.72 2.35
C LEU A 17 -4.10 4.02 1.06
N PRO A 18 -4.62 2.80 1.16
CA PRO A 18 -5.13 2.13 -0.04
C PRO A 18 -6.21 2.97 -0.69
N ARG A 19 -6.32 2.88 -2.02
CA ARG A 19 -7.28 3.64 -2.82
C ARG A 19 -6.90 5.12 -2.97
N THR A 20 -5.61 5.44 -2.84
CA THR A 20 -5.11 6.78 -3.13
C THR A 20 -4.10 6.78 -4.28
N GLY A 21 -4.19 5.82 -5.18
CA GLY A 21 -3.25 5.73 -6.28
C GLY A 21 -2.00 4.91 -6.02
N THR A 22 -2.05 3.95 -5.09
CA THR A 22 -0.85 3.23 -4.72
C THR A 22 -0.37 2.30 -5.82
N LYS A 23 -1.29 1.65 -6.56
CA LYS A 23 -0.83 0.71 -7.59
C LYS A 23 -0.21 1.45 -8.78
N SER A 24 -0.78 2.59 -9.14
CA SER A 24 -0.12 3.44 -10.13
C SER A 24 1.24 3.90 -9.64
N LEU A 25 1.35 4.30 -8.37
CA LEU A 25 2.64 4.72 -7.83
C LEU A 25 3.64 3.57 -7.82
N LYS A 26 3.18 2.38 -7.42
CA LYS A 26 4.00 1.18 -7.48
C LYS A 26 4.56 1.00 -8.90
N ASN A 27 3.68 1.05 -9.90
CA ASN A 27 4.11 0.91 -11.29
C ASN A 27 5.09 2.02 -11.67
N ALA A 28 4.81 3.25 -11.23
CA ALA A 28 5.69 4.37 -11.61
C ALA A 28 7.07 4.18 -11.01
N LEU A 29 7.15 3.82 -9.73
CA LEU A 29 8.45 3.61 -9.09
C LEU A 29 9.20 2.47 -9.76
N GLU A 30 8.48 1.42 -10.19
CA GLU A 30 9.17 0.34 -10.89
C GLU A 30 9.69 0.77 -12.25
N ILE A 31 8.98 1.68 -12.92
CA ILE A 31 9.48 2.23 -14.17
C ILE A 31 10.75 3.05 -13.95
N ILE A 32 10.78 3.81 -12.86
CA ILE A 32 11.95 4.66 -12.58
C ILE A 32 13.15 3.83 -12.18
N TYR A 33 12.95 2.86 -11.27
CA TYR A 33 14.04 2.19 -10.59
C TYR A 33 14.37 0.81 -11.16
N HIS A 34 13.49 0.21 -11.95
CA HIS A 34 13.74 -1.09 -12.58
C HIS A 34 13.95 -2.21 -11.55
N LYS A 35 13.39 -2.03 -10.36
CA LYS A 35 13.37 -3.05 -9.32
C LYS A 35 11.97 -3.01 -8.72
N PRO A 36 11.55 -4.08 -8.03
CA PRO A 36 10.15 -4.15 -7.55
C PRO A 36 9.86 -3.23 -6.38
N CYS A 37 8.59 -2.83 -6.29
CA CYS A 37 8.05 -1.97 -5.25
C CYS A 37 7.00 -2.78 -4.49
N TYR A 38 7.02 -2.70 -3.17
CA TYR A 38 6.04 -3.47 -2.38
C TYR A 38 4.66 -2.83 -2.49
N HIS A 39 3.63 -3.66 -2.32
CA HIS A 39 2.21 -3.31 -2.47
C HIS A 39 1.44 -4.55 -2.02
N MET A 40 0.16 -4.39 -1.69
CA MET A 40 -0.62 -5.57 -1.34
C MET A 40 -0.64 -6.60 -2.48
N PHE A 41 -0.58 -6.14 -3.73
CA PHE A 41 -0.58 -7.05 -4.88
C PHE A 41 0.68 -7.91 -4.93
N GLU A 42 1.79 -7.41 -4.40
CA GLU A 42 2.96 -8.27 -4.22
C GLU A 42 2.63 -9.45 -3.34
N ILE A 43 1.93 -9.21 -2.24
CA ILE A 43 1.50 -10.30 -1.37
C ILE A 43 0.56 -11.24 -2.10
N ILE A 44 -0.43 -10.68 -2.80
CA ILE A 44 -1.46 -11.51 -3.43
C ILE A 44 -0.87 -12.40 -4.52
N PHE A 45 -0.08 -11.81 -5.41
CA PHE A 45 0.32 -12.50 -6.62
C PHE A 45 1.70 -13.15 -6.56
N ASN A 46 2.57 -12.70 -5.67
CA ASN A 46 3.93 -13.22 -5.62
C ASN A 46 4.30 -13.87 -4.30
N LYS A 47 3.76 -13.43 -3.17
CA LYS A 47 4.33 -13.81 -1.88
C LYS A 47 3.25 -14.04 -0.81
N GLN A 48 2.33 -14.97 -1.10
CA GLN A 48 1.28 -15.26 -0.15
C GLN A 48 1.82 -15.85 1.15
N SER A 49 2.99 -16.48 1.12
CA SER A 49 3.57 -16.97 2.37
C SER A 49 3.95 -15.85 3.33
N ASP A 50 4.00 -14.60 2.87
CA ASP A 50 4.32 -13.49 3.75
C ASP A 50 3.11 -12.95 4.52
N ILE A 51 1.90 -13.40 4.18
CA ILE A 51 0.71 -12.96 4.90
C ILE A 51 0.89 -13.18 6.40
N ILE A 52 1.27 -14.40 6.78
CA ILE A 52 1.42 -14.69 8.20
C ILE A 52 2.56 -13.87 8.81
N LYS A 53 3.64 -13.66 8.05
CA LYS A 53 4.75 -12.88 8.60
C LYS A 53 4.31 -11.45 8.94
N TRP A 54 3.48 -10.84 8.09
CA TRP A 54 3.02 -9.49 8.37
C TRP A 54 2.05 -9.48 9.55
N GLN A 55 1.15 -10.46 9.63
CA GLN A 55 0.23 -10.52 10.76
C GLN A 55 0.99 -10.65 12.07
N ASN A 56 2.04 -11.48 12.10
CA ASN A 56 2.88 -11.60 13.28
C ASN A 56 3.51 -10.27 13.64
N LEU A 57 4.00 -9.52 12.64
CA LEU A 57 4.64 -8.24 12.90
C LEU A 57 3.65 -7.25 13.49
N ILE A 58 2.44 -7.20 12.93
CA ILE A 58 1.41 -6.31 13.47
C ILE A 58 1.06 -6.69 14.90
N HIS A 59 0.92 -8.00 15.16
CA HIS A 59 0.55 -8.44 16.50
C HIS A 59 1.58 -7.99 17.53
N ASP A 60 2.87 -8.12 17.22
CA ASP A 60 3.93 -7.76 18.14
C ASP A 60 4.25 -6.28 18.13
N SER A 61 3.58 -5.48 17.29
CA SER A 61 3.94 -4.09 17.10
C SER A 61 3.82 -3.26 18.36
N HIS A 62 2.96 -3.68 19.31
CA HIS A 62 2.90 -3.00 20.59
C HIS A 62 4.27 -2.91 21.27
N MET A 63 5.18 -3.83 20.95
CA MET A 63 6.50 -3.80 21.55
C MET A 63 7.39 -2.69 21.00
N ILE A 64 6.97 -2.00 19.95
CA ILE A 64 7.78 -0.91 19.41
C ILE A 64 7.71 0.29 20.35
N THR A 65 8.85 0.94 20.57
CA THR A 65 8.92 2.24 21.21
C THR A 65 9.41 3.25 20.18
N THR A 66 8.70 4.37 20.06
CA THR A 66 9.02 5.38 19.07
C THR A 66 10.44 5.89 19.29
N PRO A 67 11.35 5.60 18.36
CA PRO A 67 12.73 6.09 18.50
C PRO A 67 12.84 7.53 17.99
N PRO A 68 13.93 8.23 18.32
CA PRO A 68 15.04 7.80 19.16
C PRO A 68 14.70 7.86 20.64
N PRO A 69 15.39 7.06 21.47
CA PRO A 69 16.40 6.08 21.08
C PRO A 69 15.80 4.72 20.67
N LEU A 70 16.65 3.82 20.18
CA LEU A 70 16.21 2.48 19.76
C LEU A 70 16.35 1.50 20.93
N THR A 71 15.24 0.92 21.36
CA THR A 71 15.26 -0.12 22.37
C THR A 71 15.52 -1.48 21.73
N THR A 72 15.79 -2.48 22.57
CA THR A 72 16.19 -3.78 22.03
C THR A 72 15.03 -4.48 21.35
N LYS A 73 13.84 -4.44 21.93
CA LYS A 73 12.72 -5.16 21.34
C LYS A 73 12.22 -4.48 20.05
N THR A 74 12.35 -3.15 19.97
CA THR A 74 12.06 -2.47 18.71
C THR A 74 12.96 -3.02 17.60
N ILE A 75 14.21 -3.35 17.93
CA ILE A 75 15.16 -3.80 16.92
C ILE A 75 14.78 -5.18 16.40
N ALA A 76 14.26 -6.06 17.26
CA ALA A 76 13.83 -7.36 16.80
C ALA A 76 12.74 -7.23 15.74
N ILE A 77 11.75 -6.35 16.00
CA ILE A 77 10.71 -6.11 15.03
C ILE A 77 11.26 -5.44 13.77
N TYR A 78 12.13 -4.43 13.96
CA TYR A 78 12.69 -3.73 12.82
C TYR A 78 13.43 -4.69 11.89
N ASP A 79 14.15 -5.65 12.49
CA ASP A 79 14.91 -6.62 11.70
C ASP A 79 14.00 -7.49 10.84
N LYS A 80 12.81 -7.84 11.35
CA LYS A 80 11.88 -8.64 10.55
C LYS A 80 11.29 -7.81 9.41
N LEU A 81 11.04 -6.52 9.64
CA LEU A 81 10.60 -5.63 8.57
C LEU A 81 11.60 -5.60 7.43
N LYS A 82 12.89 -5.45 7.75
CA LYS A 82 13.93 -5.43 6.73
C LYS A 82 13.96 -6.71 5.92
N GLU A 83 13.75 -7.87 6.57
CA GLU A 83 13.79 -9.13 5.84
C GLU A 83 12.64 -9.23 4.87
N LEU A 84 11.44 -8.84 5.30
CA LEU A 84 10.28 -8.91 4.42
C LEU A 84 10.49 -8.03 3.18
N LEU A 85 11.23 -6.95 3.32
CA LEU A 85 11.36 -5.96 2.26
C LEU A 85 12.64 -6.12 1.46
N ASP A 86 13.38 -7.22 1.69
CA ASP A 86 14.64 -7.41 0.98
C ASP A 86 14.42 -7.52 -0.52
N GLY A 87 15.18 -6.76 -1.29
CA GLY A 87 15.09 -6.81 -2.73
C GLY A 87 14.14 -5.80 -3.34
N TYR A 88 13.42 -5.03 -2.52
CA TYR A 88 12.54 -3.99 -3.01
C TYR A 88 13.18 -2.61 -2.89
N ILE A 89 12.72 -1.69 -3.73
CA ILE A 89 13.23 -0.32 -3.69
C ILE A 89 12.24 0.67 -3.08
N ALA A 90 11.01 0.24 -2.79
CA ALA A 90 10.03 1.16 -2.23
C ALA A 90 8.89 0.36 -1.63
N THR A 91 8.09 1.03 -0.79
CA THR A 91 6.89 0.46 -0.19
C THR A 91 5.68 1.33 -0.52
N THR A 92 4.54 0.71 -0.77
CA THR A 92 3.25 1.41 -0.83
C THR A 92 2.21 0.50 -0.20
N ASP A 93 1.08 1.09 0.17
CA ASP A 93 -0.17 0.33 0.40
C ASP A 93 -0.16 -0.39 1.74
N LEU A 94 -1.30 -0.95 2.14
CA LEU A 94 -1.30 -1.94 3.21
C LEU A 94 -0.49 -3.16 2.77
N PRO A 95 0.16 -3.86 3.71
CA PRO A 95 0.17 -3.52 5.13
C PRO A 95 1.29 -2.54 5.54
N THR A 96 2.17 -2.14 4.60
CA THR A 96 3.34 -1.35 4.96
C THR A 96 2.99 0.06 5.43
N CYS A 97 1.94 0.68 4.88
CA CYS A 97 1.80 2.13 5.04
C CYS A 97 1.74 2.56 6.49
N GLY A 98 1.09 1.78 7.35
CA GLY A 98 1.04 2.11 8.76
C GLY A 98 2.39 2.04 9.47
N PHE A 99 3.35 1.32 8.89
CA PHE A 99 4.70 1.26 9.43
C PHE A 99 5.60 2.42 8.96
N TYR A 100 5.04 3.48 8.38
CA TYR A 100 5.89 4.50 7.75
C TYR A 100 6.89 5.09 8.73
N LYS A 101 6.45 5.39 9.96
CA LYS A 101 7.35 6.00 10.94
C LYS A 101 8.50 5.05 11.30
N ASP A 102 8.22 3.76 11.41
CA ASP A 102 9.29 2.82 11.69
C ASP A 102 10.19 2.65 10.48
N LEU A 103 9.60 2.64 9.28
CA LEU A 103 10.40 2.53 8.08
C LEU A 103 11.35 3.71 7.92
N MET A 104 10.94 4.91 8.36
CA MET A 104 11.83 6.07 8.29
C MET A 104 13.09 5.86 9.10
N ASN A 105 12.97 5.19 10.24
CA ASN A 105 14.14 4.96 11.09
C ASN A 105 15.00 3.81 10.58
N ILE A 106 14.38 2.78 10.02
CA ILE A 106 15.12 1.66 9.48
C ILE A 106 15.91 2.09 8.25
N TYR A 107 15.32 2.96 7.43
CA TYR A 107 15.88 3.40 6.16
C TYR A 107 16.04 4.92 6.25
N PRO A 108 17.07 5.40 6.95
CA PRO A 108 17.21 6.85 7.17
C PRO A 108 17.48 7.64 5.91
N ASN A 109 17.95 7.01 4.84
CA ASN A 109 18.20 7.72 3.59
C ASN A 109 17.03 7.66 2.62
N ALA A 110 15.88 7.12 3.03
CA ALA A 110 14.71 7.03 2.20
C ALA A 110 13.87 8.29 2.31
N LYS A 111 13.22 8.65 1.21
CA LYS A 111 12.29 9.77 1.20
C LYS A 111 10.88 9.22 1.37
N VAL A 112 9.98 10.07 1.86
CA VAL A 112 8.63 9.67 2.25
C VAL A 112 7.63 10.36 1.35
N LEU A 113 6.65 9.61 0.85
CA LEU A 113 5.56 10.16 0.05
C LEU A 113 4.26 9.99 0.82
N LEU A 114 3.34 10.94 0.60
CA LEU A 114 1.96 10.79 1.08
C LEU A 114 1.03 11.09 -0.07
N THR A 115 0.24 10.10 -0.48
CA THR A 115 -0.76 10.29 -1.53
C THR A 115 -2.11 10.55 -0.88
N ILE A 116 -2.80 11.62 -1.32
CA ILE A 116 -4.10 11.96 -0.78
C ILE A 116 -5.08 12.24 -1.92
N ARG A 117 -6.37 12.16 -1.60
CA ARG A 117 -7.42 12.52 -2.53
C ARG A 117 -8.65 12.93 -1.74
N ASP A 118 -9.67 13.36 -2.45
CA ASP A 118 -10.96 13.69 -1.84
C ASP A 118 -11.45 12.55 -0.96
N LYS A 119 -11.79 12.87 0.29
CA LYS A 119 -12.08 11.83 1.28
C LYS A 119 -13.34 11.03 0.93
N TYR A 120 -14.35 11.66 0.33
CA TYR A 120 -15.55 10.90 -0.06
C TYR A 120 -15.27 9.98 -1.23
N ASP A 121 -14.51 10.45 -2.23
CA ASP A 121 -14.09 9.56 -3.31
C ASP A 121 -13.30 8.40 -2.76
N TRP A 122 -12.43 8.66 -1.79
CA TRP A 122 -11.66 7.60 -1.16
C TRP A 122 -12.59 6.58 -0.51
N LEU A 123 -13.52 7.05 0.32
CA LEU A 123 -14.44 6.14 0.99
C LEU A 123 -15.23 5.30 -0.01
N HIS A 124 -15.77 5.93 -1.05
CA HIS A 124 -16.55 5.21 -2.05
CA HIS A 124 -16.56 5.20 -2.03
C HIS A 124 -15.71 4.15 -2.75
N SER A 125 -14.45 4.47 -3.04
CA SER A 125 -13.55 3.53 -3.68
C SER A 125 -13.23 2.37 -2.74
N LEU A 126 -12.98 2.68 -1.47
CA LEU A 126 -12.69 1.64 -0.48
C LEU A 126 -13.87 0.69 -0.33
N ARG A 127 -15.10 1.24 -0.35
CA ARG A 127 -16.30 0.42 -0.19
C ARG A 127 -16.48 -0.54 -1.35
N LYS A 128 -16.04 -0.15 -2.55
CA LYS A 128 -16.24 -1.00 -3.71
C LYS A 128 -15.16 -2.06 -3.88
N VAL A 129 -14.03 -1.93 -3.19
CA VAL A 129 -12.83 -2.71 -3.49
C VAL A 129 -12.32 -3.47 -2.26
N VAL A 130 -12.17 -2.78 -1.13
CA VAL A 130 -11.43 -3.29 0.01
C VAL A 130 -12.36 -3.67 1.15
N LEU A 131 -13.36 -2.84 1.41
CA LEU A 131 -14.11 -2.88 2.67
C LEU A 131 -15.57 -2.57 2.40
N PRO A 132 -16.27 -3.43 1.65
CA PRO A 132 -17.71 -3.21 1.48
C PRO A 132 -18.42 -3.34 2.82
N LYS A 133 -19.59 -2.70 2.92
CA LYS A 133 -20.36 -2.83 4.14
C LYS A 133 -20.84 -4.28 4.30
N SER A 134 -21.05 -4.67 5.57
CA SER A 134 -21.42 -6.05 5.89
C SER A 134 -22.64 -6.52 5.10
N ASN A 135 -23.64 -5.65 4.95
CA ASN A 135 -24.89 -6.03 4.28
C ASN A 135 -24.84 -5.86 2.77
N ASP A 136 -23.70 -5.53 2.20
CA ASP A 136 -23.61 -5.32 0.75
C ASP A 136 -23.42 -6.67 0.07
N PRO A 137 -24.33 -7.09 -0.81
CA PRO A 137 -24.13 -8.37 -1.52
C PRO A 137 -22.84 -8.44 -2.32
N TRP A 138 -22.31 -7.30 -2.77
CA TRP A 138 -21.04 -7.33 -3.49
C TRP A 138 -19.93 -7.94 -2.64
N LYS A 139 -20.02 -7.82 -1.32
CA LYS A 139 -19.05 -8.46 -0.42
C LYS A 139 -18.88 -9.93 -0.75
N LEU A 140 -19.96 -10.61 -1.14
CA LEU A 140 -19.90 -12.04 -1.42
C LEU A 140 -19.21 -12.34 -2.74
N LYS A 141 -19.36 -11.46 -3.73
CA LYS A 141 -18.63 -11.62 -4.98
C LYS A 141 -17.14 -11.40 -4.77
N ILE A 142 -16.76 -10.41 -3.97
CA ILE A 142 -15.34 -10.22 -3.69
C ILE A 142 -14.77 -11.47 -3.06
N GLU A 143 -15.50 -12.06 -2.11
CA GLU A 143 -15.04 -13.28 -1.45
C GLU A 143 -14.85 -14.43 -2.44
N GLU A 144 -15.77 -14.54 -3.40
CA GLU A 144 -15.71 -15.64 -4.36
C GLU A 144 -14.53 -15.51 -5.31
N GLY A 145 -14.24 -14.27 -5.77
CA GLY A 145 -13.04 -14.06 -6.55
C GLY A 145 -11.77 -14.30 -5.76
N ASP A 146 -11.77 -13.92 -4.49
CA ASP A 146 -10.57 -14.14 -3.67
C ASP A 146 -10.23 -15.62 -3.54
N LYS A 147 -11.26 -16.47 -3.39
CA LYS A 147 -11.00 -17.92 -3.31
C LYS A 147 -10.24 -18.41 -4.54
N VAL A 148 -10.58 -17.88 -5.72
CA VAL A 148 -9.88 -18.26 -6.94
C VAL A 148 -8.38 -17.96 -6.84
N LEU A 149 -8.04 -16.87 -6.16
CA LEU A 149 -6.64 -16.50 -5.97
C LEU A 149 -5.96 -17.27 -4.85
N GLY A 150 -6.68 -18.10 -4.11
CA GLY A 150 -6.10 -18.75 -2.94
C GLY A 150 -6.15 -17.94 -1.67
N LEU A 151 -6.94 -16.87 -1.63
CA LEU A 151 -7.06 -16.00 -0.48
C LEU A 151 -8.30 -16.36 0.33
N ASN A 152 -8.13 -16.40 1.66
CA ASN A 152 -9.25 -16.71 2.53
C ASN A 152 -9.21 -15.87 3.78
N SER A 153 -9.71 -16.40 4.90
CA SER A 153 -9.91 -15.57 6.09
C SER A 153 -8.59 -14.97 6.60
N ASP A 154 -7.47 -15.64 6.38
CA ASP A 154 -6.19 -15.09 6.83
C ASP A 154 -5.86 -13.80 6.10
N PHE A 155 -6.15 -13.74 4.79
CA PHE A 155 -5.91 -12.52 4.04
C PHE A 155 -6.85 -11.41 4.48
N TYR A 156 -8.09 -11.76 4.81
CA TYR A 156 -9.03 -10.73 5.28
C TYR A 156 -8.60 -10.16 6.62
N LYS A 157 -8.08 -11.01 7.50
CA LYS A 157 -7.57 -10.53 8.79
C LYS A 157 -6.41 -9.57 8.60
N LEU A 158 -5.48 -9.90 7.70
CA LEU A 158 -4.35 -9.01 7.45
C LEU A 158 -4.82 -7.65 6.95
N THR A 159 -5.78 -7.64 6.00
CA THR A 159 -6.29 -6.38 5.49
C THR A 159 -6.91 -5.55 6.59
N GLU A 160 -7.85 -6.14 7.35
CA GLU A 160 -8.51 -5.43 8.43
C GLU A 160 -7.52 -5.01 9.52
N ASP A 161 -6.67 -5.94 9.98
CA ASP A 161 -5.74 -5.61 11.05
C ASP A 161 -4.71 -4.56 10.63
N SER A 162 -4.29 -4.56 9.37
CA SER A 162 -3.29 -3.58 8.97
C SER A 162 -3.90 -2.17 8.83
N LEU A 163 -5.19 -2.08 8.52
CA LEU A 163 -5.89 -0.80 8.57
C LEU A 163 -6.05 -0.34 10.02
N LYS A 164 -6.42 -1.26 10.92
CA LYS A 164 -6.48 -0.93 12.34
C LYS A 164 -5.14 -0.42 12.84
N PHE A 165 -4.06 -1.07 12.40
CA PHE A 165 -2.72 -0.63 12.78
C PHE A 165 -2.41 0.77 12.24
N ALA A 166 -2.74 1.03 10.98
CA ALA A 166 -2.48 2.36 10.42
C ALA A 166 -3.25 3.44 11.18
N PHE A 167 -4.50 3.17 11.50
CA PHE A 167 -5.37 4.09 12.24
C PHE A 167 -5.17 4.04 13.75
N GLN A 168 -4.33 3.13 14.25
CA GLN A 168 -4.04 3.01 15.68
C GLN A 168 -5.30 2.80 16.52
N LYS A 169 -6.14 1.84 16.10
CA LYS A 169 -7.46 1.66 16.70
C LYS A 169 -7.81 0.17 16.64
N ASP A 170 -8.09 -0.43 17.80
CA ASP A 170 -8.56 -1.82 17.78
C ASP A 170 -10.07 -1.91 17.54
N ASP A 171 -10.84 -1.01 18.15
CA ASP A 171 -12.31 -1.04 18.02
C ASP A 171 -12.73 -0.17 16.84
N LEU A 172 -12.53 -0.69 15.63
CA LEU A 172 -12.87 0.05 14.42
C LEU A 172 -14.17 -0.51 13.84
N ASN A 173 -15.22 0.32 13.83
CA ASN A 173 -16.51 -0.07 13.21
C ASN A 173 -16.38 0.14 11.71
N PHE A 174 -15.98 -0.92 11.00
CA PHE A 174 -15.75 -0.84 9.57
C PHE A 174 -17.01 -0.50 8.78
N ASP A 175 -18.20 -0.74 9.35
CA ASP A 175 -19.45 -0.41 8.69
C ASP A 175 -19.84 1.05 8.86
N ASP A 176 -19.12 1.83 9.64
CA ASP A 176 -19.49 3.21 9.93
C ASP A 176 -18.69 4.14 9.02
N ASP A 177 -19.37 4.75 8.05
CA ASP A 177 -18.71 5.67 7.12
C ASP A 177 -18.07 6.85 7.85
N GLN A 178 -18.76 7.42 8.85
CA GLN A 178 -18.19 8.58 9.54
C GLN A 178 -16.90 8.21 10.26
N VAL A 179 -16.85 7.03 10.87
CA VAL A 179 -15.63 6.60 11.54
C VAL A 179 -14.46 6.55 10.56
N LEU A 180 -14.68 5.94 9.39
CA LEU A 180 -13.58 5.80 8.43
C LEU A 180 -13.14 7.16 7.90
N LEU A 181 -14.09 8.07 7.65
CA LEU A 181 -13.71 9.39 7.17
C LEU A 181 -12.88 10.14 8.20
N GLU A 182 -13.23 10.02 9.48
CA GLU A 182 -12.45 10.69 10.52
C GLU A 182 -11.05 10.09 10.65
N CYS A 183 -10.94 8.76 10.54
CA CYS A 183 -9.62 8.15 10.62
C CYS A 183 -8.74 8.55 9.45
N TYR A 184 -9.33 8.61 8.25
CA TYR A 184 -8.58 9.05 7.07
C TYR A 184 -7.99 10.44 7.28
N ASP A 185 -8.83 11.40 7.66
CA ASP A 185 -8.34 12.77 7.87
C ASP A 185 -7.26 12.81 8.93
N GLU A 186 -7.46 12.13 10.05
CA GLU A 186 -6.50 12.17 11.14
C GLU A 186 -5.19 11.49 10.74
N TYR A 187 -5.27 10.36 10.02
CA TYR A 187 -4.08 9.71 9.51
C TYR A 187 -3.24 10.66 8.65
N ASN A 188 -3.87 11.24 7.63
CA ASN A 188 -3.14 12.10 6.71
C ASN A 188 -2.55 13.31 7.42
N ARG A 189 -3.29 13.87 8.38
CA ARG A 189 -2.75 14.96 9.16
C ARG A 189 -1.53 14.50 9.96
N LEU A 190 -1.62 13.31 10.55
CA LEU A 190 -0.55 12.85 11.43
C LEU A 190 0.73 12.57 10.66
N VAL A 191 0.62 12.06 9.42
CA VAL A 191 1.81 11.88 8.60
C VAL A 191 2.52 13.21 8.40
N GLN A 192 1.76 14.24 8.04
CA GLN A 192 2.38 15.54 7.77
C GLN A 192 3.05 16.13 9.01
N GLU A 193 2.57 15.79 10.19
CA GLU A 193 3.18 16.28 11.42
C GLU A 193 4.36 15.42 11.86
N THR A 194 4.41 14.15 11.47
CA THR A 194 5.44 13.24 11.95
C THR A 194 6.70 13.26 11.08
N VAL A 195 6.55 13.38 9.77
CA VAL A 195 7.69 13.33 8.86
C VAL A 195 8.31 14.71 8.73
N PRO A 196 9.63 14.85 8.87
CA PRO A 196 10.26 16.15 8.65
C PRO A 196 10.01 16.63 7.23
N SER A 197 9.70 17.93 7.10
CA SER A 197 9.27 18.48 5.83
C SER A 197 10.29 18.24 4.72
N ASP A 198 11.59 18.29 5.04
CA ASP A 198 12.60 18.02 4.03
C ASP A 198 12.56 16.58 3.55
N ARG A 199 11.88 15.69 4.27
CA ARG A 199 11.82 14.30 3.88
C ARG A 199 10.51 13.90 3.24
N LEU A 200 9.52 14.80 3.20
CA LEU A 200 8.15 14.45 2.84
C LEU A 200 7.74 15.14 1.56
N LEU A 201 7.07 14.40 0.67
CA LEU A 201 6.38 14.99 -0.48
C LEU A 201 4.92 14.57 -0.40
N VAL A 202 4.02 15.54 -0.32
CA VAL A 202 2.58 15.27 -0.35
C VAL A 202 2.09 15.39 -1.80
N LEU A 203 1.45 14.34 -2.30
CA LEU A 203 0.99 14.25 -3.68
C LEU A 203 -0.52 14.06 -3.70
N ARG A 204 -1.22 14.85 -4.48
CA ARG A 204 -2.64 14.61 -4.70
C ARG A 204 -2.83 13.68 -5.89
N LEU A 205 -3.82 12.79 -5.77
CA LEU A 205 -4.11 11.85 -6.84
C LEU A 205 -4.29 12.60 -8.16
N GLY A 206 -3.57 12.15 -9.20
CA GLY A 206 -3.59 12.78 -10.51
C GLY A 206 -2.51 13.80 -10.78
N ASP A 207 -1.59 14.03 -9.83
CA ASP A 207 -0.53 15.02 -10.05
C ASP A 207 0.47 14.59 -11.13
N GLY A 208 0.64 13.29 -11.35
CA GLY A 208 1.49 12.82 -12.43
C GLY A 208 2.97 12.76 -12.07
N TRP A 209 3.82 12.76 -13.12
CA TRP A 209 5.24 12.42 -12.94
C TRP A 209 6.02 13.55 -12.28
N GLU A 210 5.74 14.79 -12.65
CA GLU A 210 6.76 15.84 -12.50
C GLU A 210 7.19 16.08 -11.07
N PRO A 211 6.28 16.30 -10.11
CA PRO A 211 6.76 16.57 -8.74
C PRO A 211 7.46 15.37 -8.11
N LEU A 212 6.97 14.16 -8.38
CA LEU A 212 7.62 12.95 -7.88
C LEU A 212 9.05 12.85 -8.39
N CYS A 213 9.23 13.05 -9.69
CA CYS A 213 10.55 12.90 -10.29
C CYS A 213 11.54 13.94 -9.77
N LYS A 214 11.09 15.19 -9.61
CA LYS A 214 11.97 16.22 -9.04
C LYS A 214 12.40 15.86 -7.63
N PHE A 215 11.44 15.40 -6.83
CA PHE A 215 11.72 14.98 -5.45
C PHE A 215 12.78 13.89 -5.40
N LEU A 216 12.75 12.96 -6.36
CA LEU A 216 13.66 11.81 -6.37
C LEU A 216 14.91 12.06 -7.20
N ASN A 217 15.05 13.23 -7.79
CA ASN A 217 16.24 13.59 -8.59
C ASN A 217 16.42 12.67 -9.79
N VAL A 218 15.31 12.25 -10.40
CA VAL A 218 15.38 11.39 -11.58
C VAL A 218 14.68 12.07 -12.75
N GLU A 219 15.05 11.66 -13.96
CA GLU A 219 14.41 12.16 -15.16
C GLU A 219 13.03 11.54 -15.32
N ILE A 220 12.15 12.25 -16.00
CA ILE A 220 10.84 11.68 -16.33
C ILE A 220 11.02 10.61 -17.39
N PRO A 221 10.54 9.39 -17.17
CA PRO A 221 10.62 8.35 -18.20
C PRO A 221 10.10 8.89 -19.53
N ASN A 222 10.93 8.74 -20.58
CA ASN A 222 10.65 9.33 -21.88
C ASN A 222 9.57 8.53 -22.61
N GLY A 223 8.49 9.21 -23.01
CA GLY A 223 7.47 8.57 -23.79
C GLY A 223 6.52 7.68 -23.03
N ILE A 224 6.49 7.78 -21.69
CA ILE A 224 5.65 6.94 -20.84
C ILE A 224 4.69 7.84 -20.08
N ASP A 225 3.39 7.63 -20.28
CA ASP A 225 2.41 8.35 -19.47
C ASP A 225 2.43 7.83 -18.04
N TYR A 226 2.07 8.68 -17.10
CA TYR A 226 2.03 8.26 -15.71
C TYR A 226 0.94 7.21 -15.57
N PRO A 227 1.22 6.09 -14.90
CA PRO A 227 0.23 5.00 -14.84
C PRO A 227 -1.11 5.45 -14.30
N CYS A 228 -2.17 4.85 -14.84
CA CYS A 228 -3.54 5.06 -14.39
C CYS A 228 -4.19 3.68 -14.39
N VAL A 229 -4.06 2.96 -13.27
CA VAL A 229 -4.55 1.61 -13.15
C VAL A 229 -5.28 1.47 -11.82
N ASN A 230 -6.04 0.38 -11.71
CA ASN A 230 -6.62 -0.04 -10.44
C ASN A 230 -7.85 0.78 -10.02
N SER A 231 -8.60 1.30 -11.00
CA SER A 231 -9.87 1.93 -10.67
C SER A 231 -10.84 0.90 -10.10
N HIS A 232 -11.83 1.37 -9.35
CA HIS A 232 -12.79 0.41 -8.79
C HIS A 232 -13.52 -0.33 -9.90
N HIS A 233 -13.73 0.32 -11.05
CA HIS A 233 -14.34 -0.36 -12.19
C HIS A 233 -13.49 -1.53 -12.66
N GLN A 234 -12.17 -1.36 -12.71
CA GLN A 234 -11.28 -2.43 -13.17
C GLN A 234 -11.22 -3.56 -12.13
N SME A 235 -11.31 -3.18 -10.86
CA SME A 235 -11.31 -4.15 -9.77
CB SME A 235 -11.16 -3.56 -8.35
CG SME A 235 -9.78 -2.97 -8.14
S SME A 235 -8.68 -4.15 -7.37
OE SME A 235 -9.56 -5.15 -6.71
CE SME A 235 -7.97 -4.92 -8.74
C SME A 235 -12.58 -5.01 -9.82
O SME A 235 -12.62 -6.21 -9.58
N THR A 236 -13.67 -4.34 -10.18
CA THR A 236 -14.94 -5.05 -10.39
C THR A 236 -14.86 -6.04 -11.54
N GLN A 237 -14.24 -5.62 -12.65
CA GLN A 237 -14.06 -6.53 -13.78
C GLN A 237 -13.17 -7.72 -13.40
N LEU A 238 -12.10 -7.49 -12.65
CA LEU A 238 -11.24 -8.59 -12.22
C LEU A 238 -12.03 -9.61 -11.41
N THR A 239 -12.80 -9.13 -10.43
CA THR A 239 -13.59 -10.02 -9.58
C THR A 239 -14.60 -10.82 -10.41
N GLU A 240 -15.30 -10.15 -11.32
CA GLU A 240 -16.27 -10.84 -12.16
C GLU A 240 -15.58 -11.88 -13.05
N GLN A 241 -14.39 -11.55 -13.57
CA GLN A 241 -13.73 -12.48 -14.48
C GLN A 241 -13.13 -13.66 -13.73
N LEU A 242 -12.62 -13.42 -12.51
CA LEU A 242 -12.14 -14.52 -11.69
C LEU A 242 -13.27 -15.51 -11.38
N ILE A 243 -14.44 -14.98 -11.03
CA ILE A 243 -15.59 -15.85 -10.73
C ILE A 243 -15.98 -16.67 -11.96
N LYS A 244 -15.90 -16.05 -13.14
CA LYS A 244 -16.37 -16.70 -14.37
C LYS A 244 -15.41 -17.79 -14.82
N TYR A 245 -14.10 -17.48 -14.89
CA TYR A 245 -13.11 -18.44 -15.41
C TYR A 245 -12.54 -19.37 -14.35
N LYS A 246 -12.65 -19.02 -13.06
CA LYS A 246 -12.15 -19.84 -11.94
C LYS A 246 -10.64 -20.08 -11.97
N SER A 247 -9.89 -19.16 -12.58
CA SER A 247 -8.44 -19.18 -12.44
C SER A 247 -7.91 -17.80 -12.79
N LEU A 248 -6.74 -17.48 -12.23
CA LEU A 248 -6.08 -16.23 -12.61
C LEU A 248 -5.39 -16.36 -13.95
N ASP A 249 -4.68 -17.47 -14.17
CA ASP A 249 -3.87 -17.57 -15.37
C ASP A 249 -4.71 -17.57 -16.65
N ALA A 250 -6.00 -17.88 -16.55
CA ALA A 250 -6.84 -17.83 -17.74
C ALA A 250 -7.16 -16.40 -18.16
N ILE A 251 -6.99 -15.43 -17.27
CA ILE A 251 -7.41 -14.05 -17.53
C ILE A 251 -6.29 -13.05 -17.34
N ILE A 252 -5.11 -13.49 -16.94
CA ILE A 252 -4.08 -12.54 -16.53
C ILE A 252 -3.66 -11.67 -17.70
N HIS A 253 -3.75 -12.17 -18.93
CA HIS A 253 -3.34 -11.38 -20.08
C HIS A 253 -4.27 -10.18 -20.32
N MET A 254 -5.45 -10.18 -19.70
CA MET A 254 -6.43 -9.11 -19.86
C MET A 254 -6.15 -7.92 -18.96
N PHE A 255 -5.18 -8.02 -18.05
CA PHE A 255 -4.89 -6.97 -17.09
C PHE A 255 -3.38 -6.67 -17.09
N PRO A 256 -2.84 -6.26 -18.24
CA PRO A 256 -1.36 -6.18 -18.37
C PRO A 256 -0.68 -5.24 -17.39
N ASP A 257 -1.22 -4.06 -17.16
CA ASP A 257 -0.57 -3.12 -16.25
C ASP A 257 -1.01 -3.29 -14.80
N LEU A 258 -2.19 -3.88 -14.58
CA LEU A 258 -2.67 -4.07 -13.22
C LEU A 258 -1.91 -5.20 -12.52
N ILE A 259 -1.67 -6.30 -13.22
CA ILE A 259 -1.08 -7.47 -12.60
C ILE A 259 0.31 -7.72 -13.15
P1 A3P B . -11.32 4.89 -8.07
O1P A3P B . -12.06 6.06 -7.52
O2P A3P B . -11.63 3.60 -7.36
O3P A3P B . -11.34 4.76 -9.57
P2 A3P B . -5.02 2.15 -5.22
O4P A3P B . -4.26 2.85 -4.12
O5P A3P B . -4.20 1.68 -6.40
O6P A3P B . -6.03 1.15 -4.78
O5' A3P B . -5.86 3.42 -5.79
C5' A3P B . -6.72 3.28 -6.90
C4' A3P B . -7.57 4.55 -7.08
O4' A3P B . -6.74 5.60 -7.60
C3' A3P B . -8.69 4.39 -8.10
O3' A3P B . -9.77 5.26 -7.74
C2' A3P B . -8.04 4.85 -9.39
O2' A3P B . -9.01 5.25 -10.38
C1' A3P B . -7.23 6.01 -8.87
N9 A3P B . -6.05 6.32 -9.71
C8 A3P B . -4.99 5.52 -9.95
N7 A3P B . -4.10 6.14 -10.78
C5 A3P B . -4.61 7.36 -11.05
C6 A3P B . -4.20 8.53 -11.85
N6 A3P B . -3.03 8.49 -12.52
N1 A3P B . -5.02 9.61 -11.88
C2 A3P B . -6.19 9.62 -11.20
N3 A3P B . -6.64 8.60 -10.45
C4 A3P B . -5.91 7.46 -10.35
C1 DE7 C . -6.58 -5.08 -0.65
C15 DE7 C . -9.03 -7.51 -4.05
C16 DE7 C . -7.74 -8.20 -4.48
C17 DE7 C . -7.87 -8.93 -5.81
C18 DE7 C . -9.07 -9.87 -5.79
C2 DE7 C . -6.34 -3.99 -1.49
C20 DE7 C . -10.19 -8.51 -4.13
C3 DE7 C . -6.94 -3.94 -2.76
C4 DE7 C . -7.80 -4.97 -3.15
C5 DE7 C . -8.03 -6.06 -2.32
C6 DE7 C . -7.43 -6.10 -1.06
C7 DE7 C . -5.41 -2.92 -0.96
N12 DE7 C . -8.87 -7.07 -2.69
N19 DE7 C . -10.28 -9.09 -5.49
N8 DE7 C . -6.77 -2.87 -3.66
O10 DE7 C . -6.86 -1.69 -3.28
O11 DE7 C . -6.59 -3.08 -4.87
O9 DE7 C . -4.43 -2.64 -1.98
#